data_6GPZ
#
_entry.id   6GPZ
#
_cell.length_a   26.577
_cell.length_b   31.415
_cell.length_c   81.032
_cell.angle_alpha   90.00
_cell.angle_beta   92.41
_cell.angle_gamma   90.00
#
_symmetry.space_group_name_H-M   'P 1 21 1'
#
loop_
_entity.id
_entity.type
_entity.pdbx_description
1 polymer 'Cell cycle protein GpsB'
2 polymer LmPBPA1
3 non-polymer 'ZINC ION'
4 non-polymer IMIDAZOLE
5 water water
#
loop_
_entity_poly.entity_id
_entity_poly.type
_entity_poly.pdbx_seq_one_letter_code
_entity_poly.pdbx_strand_id
1 'polypeptide(L)' GHMKVKLSAKEILEKEFKTGVRGYKQEDVDEFLDMIIKDYETFHQEIEELQQENLQLKKQLEE B,A
2 'polypeptide(L)' MADKPQTRSQYRNKQ E
#
# COMPACT_ATOMS: atom_id res chain seq x y z
N GLY A 1 -4.71 1.58 18.52
CA GLY A 1 -5.82 1.92 17.64
C GLY A 1 -5.59 1.72 16.14
N HIS A 2 -6.71 1.68 15.41
CA HIS A 2 -6.70 1.51 13.96
C HIS A 2 -6.16 2.76 13.28
N MET A 3 -5.36 2.54 12.25
CA MET A 3 -4.72 3.59 11.48
C MET A 3 -5.20 3.46 10.05
N LYS A 4 -5.63 4.56 9.47
CA LYS A 4 -6.16 4.52 8.11
C LYS A 4 -5.10 5.01 7.12
N VAL A 5 -5.11 4.43 5.93
CA VAL A 5 -4.26 4.94 4.85
C VAL A 5 -4.97 6.04 4.05
N LYS A 6 -4.23 6.73 3.19
CA LYS A 6 -4.80 7.82 2.40
C LYS A 6 -5.48 7.33 1.12
N LEU A 7 -4.88 6.36 0.44
CA LEU A 7 -5.31 5.88 -0.87
C LEU A 7 -5.85 4.46 -0.83
N SER A 8 -6.48 4.05 -1.91
CA SER A 8 -6.93 2.68 -2.05
C SER A 8 -6.39 2.11 -3.35
N ALA A 9 -6.47 0.78 -3.49
CA ALA A 9 -6.11 0.16 -4.77
C ALA A 9 -6.87 0.80 -5.95
N LYS A 10 -8.20 1.00 -5.79
CA LYS A 10 -8.98 1.56 -6.90
C LYS A 10 -8.57 3.00 -7.21
N GLU A 11 -8.25 3.80 -6.18
CA GLU A 11 -7.84 5.17 -6.43
C GLU A 11 -6.53 5.23 -7.20
N ILE A 12 -5.63 4.29 -6.96
CA ILE A 12 -4.37 4.27 -7.72
C ILE A 12 -4.59 3.76 -9.15
N LEU A 13 -5.48 2.76 -9.31
CA LEU A 13 -5.82 2.31 -10.65
C LEU A 13 -6.35 3.45 -11.50
N GLU A 14 -7.16 4.31 -10.90
CA GLU A 14 -7.95 5.27 -11.66
C GLU A 14 -7.35 6.69 -11.68
N LYS A 15 -6.25 6.91 -10.96
CA LYS A 15 -5.62 8.22 -10.93
C LYS A 15 -5.25 8.64 -12.32
N GLU A 16 -5.60 9.87 -12.69
CA GLU A 16 -5.19 10.41 -13.99
C GLU A 16 -4.12 11.45 -13.73
N PHE A 17 -3.01 11.41 -14.47
CA PHE A 17 -1.99 12.45 -14.35
C PHE A 17 -2.03 13.34 -15.57
N LYS A 18 -1.88 14.64 -15.38
CA LYS A 18 -1.74 15.42 -16.58
C LYS A 18 -0.36 15.19 -17.17
N THR A 19 -0.20 15.65 -18.39
CA THR A 19 1.05 15.44 -19.12
C THR A 19 1.83 16.75 -19.22
N GLY A 20 3.07 16.60 -19.72
CA GLY A 20 3.90 17.77 -19.97
C GLY A 20 5.15 17.39 -20.69
N VAL A 21 5.93 18.41 -21.05
CA VAL A 21 7.21 18.17 -21.75
C VAL A 21 8.16 17.41 -20.83
N ARG A 22 8.89 16.45 -21.41
CA ARG A 22 9.87 15.63 -20.67
C ARG A 22 9.24 14.96 -19.43
N GLY A 23 7.94 14.69 -19.48
CA GLY A 23 7.33 13.92 -18.42
C GLY A 23 7.83 12.46 -18.44
N TYR A 24 7.48 11.76 -17.35
CA TYR A 24 7.85 10.36 -17.24
C TYR A 24 7.07 9.54 -18.25
N LYS A 25 7.75 8.58 -18.90
CA LYS A 25 7.12 7.70 -19.88
C LYS A 25 5.94 7.00 -19.24
N GLN A 26 4.79 7.07 -19.91
CA GLN A 26 3.57 6.61 -19.26
C GLN A 26 3.62 5.15 -18.94
N GLU A 27 4.11 4.32 -19.85
CA GLU A 27 4.07 2.89 -19.56
C GLU A 27 4.96 2.57 -18.37
N ASP A 28 6.11 3.26 -18.23
CA ASP A 28 7.01 2.97 -17.08
C ASP A 28 6.27 3.27 -15.77
N VAL A 29 5.59 4.40 -15.70
CA VAL A 29 4.85 4.73 -14.49
C VAL A 29 3.71 3.75 -14.28
N ASP A 30 2.95 3.45 -15.33
CA ASP A 30 1.76 2.63 -15.16
C ASP A 30 2.10 1.20 -14.73
N GLU A 31 3.18 0.63 -15.28
CA GLU A 31 3.60 -0.73 -14.91
C GLU A 31 4.04 -0.77 -13.46
N PHE A 32 4.66 0.30 -12.99
CA PHE A 32 5.11 0.32 -11.61
C PHE A 32 3.94 0.51 -10.66
N LEU A 33 3.00 1.40 -11.04
CA LEU A 33 1.79 1.57 -10.24
C LEU A 33 1.00 0.26 -10.21
N ASP A 34 1.07 -0.57 -11.27
CA ASP A 34 0.32 -1.83 -11.20
C ASP A 34 0.87 -2.72 -10.08
N MET A 35 2.18 -2.68 -9.86
CA MET A 35 2.77 -3.47 -8.78
C MET A 35 2.33 -2.93 -7.45
N ILE A 36 2.29 -1.60 -7.32
CA ILE A 36 1.78 -0.94 -6.09
C ILE A 36 0.34 -1.35 -5.82
N ILE A 37 -0.50 -1.37 -6.86
CA ILE A 37 -1.90 -1.74 -6.68
C ILE A 37 -2.00 -3.13 -6.07
N LYS A 38 -1.21 -4.07 -6.55
CA LYS A 38 -1.30 -5.42 -6.01
C LYS A 38 -0.86 -5.44 -4.54
N ASP A 39 0.14 -4.61 -4.19
CA ASP A 39 0.55 -4.51 -2.78
C ASP A 39 -0.58 -3.90 -1.94
N TYR A 40 -1.22 -2.85 -2.40
CA TYR A 40 -2.38 -2.35 -1.64
C TYR A 40 -3.42 -3.46 -1.43
N GLU A 41 -3.69 -4.29 -2.46
CA GLU A 41 -4.66 -5.37 -2.30
C GLU A 41 -4.18 -6.37 -1.26
N THR A 42 -2.88 -6.71 -1.27
CA THR A 42 -2.32 -7.66 -0.31
C THR A 42 -2.38 -7.10 1.12
N PHE A 43 -2.00 -5.83 1.30
CA PHE A 43 -2.03 -5.21 2.61
C PHE A 43 -3.46 -5.18 3.13
N HIS A 44 -4.41 -4.77 2.27
CA HIS A 44 -5.79 -4.64 2.71
C HIS A 44 -6.37 -6.00 3.11
N GLN A 45 -6.08 -7.04 2.32
CA GLN A 45 -6.54 -8.38 2.65
C GLN A 45 -5.96 -8.87 3.97
N GLU A 46 -4.70 -8.58 4.25
CA GLU A 46 -4.15 -9.12 5.50
C GLU A 46 -4.71 -8.37 6.70
N ILE A 47 -4.89 -7.06 6.56
CA ILE A 47 -5.53 -6.29 7.64
C ILE A 47 -6.96 -6.76 7.87
N GLU A 48 -7.71 -7.05 6.81
CA GLU A 48 -9.08 -7.53 6.99
C GLU A 48 -9.08 -8.84 7.80
N GLU A 49 -8.14 -9.74 7.47
CA GLU A 49 -7.99 -11.03 8.14
C GLU A 49 -7.53 -10.84 9.59
N LEU A 50 -6.56 -9.95 9.83
CA LEU A 50 -6.12 -9.73 11.19
C LEU A 50 -7.19 -9.04 12.00
N GLN A 51 -7.96 -8.12 11.42
CA GLN A 51 -9.00 -7.45 12.24
C GLN A 51 -10.16 -8.39 12.58
N GLN A 52 -10.57 -9.27 11.66
CA GLN A 52 -11.60 -10.24 11.98
C GLN A 52 -11.13 -11.20 13.06
N GLU A 53 -9.84 -11.57 13.04
CA GLU A 53 -9.29 -12.43 14.09
C GLU A 53 -9.26 -11.69 15.42
N ASN A 54 -8.84 -10.43 15.40
CA ASN A 54 -8.82 -9.59 16.60
C ASN A 54 -10.20 -9.50 17.24
N LEU A 55 -11.23 -9.28 16.41
CA LEU A 55 -12.60 -9.25 16.93
C LEU A 55 -12.97 -10.57 17.59
N GLN A 56 -12.62 -11.69 16.96
CA GLN A 56 -12.97 -13.00 17.54
C GLN A 56 -12.27 -13.22 18.90
N LEU A 57 -10.98 -12.86 18.97
CA LEU A 57 -10.21 -13.05 20.21
C LEU A 57 -10.76 -12.19 21.35
N LYS A 58 -11.07 -10.92 21.05
CA LYS A 58 -11.65 -10.04 22.05
C LYS A 58 -13.00 -10.53 22.50
N LYS A 59 -13.74 -11.20 21.60
CA LYS A 59 -15.04 -11.73 22.02
C LYS A 59 -14.88 -12.91 22.98
N GLN A 60 -13.94 -13.82 22.72
CA GLN A 60 -13.73 -14.92 23.66
C GLN A 60 -13.34 -14.40 25.05
N LEU A 61 -12.56 -13.31 25.09
CA LEU A 61 -12.07 -12.76 26.34
C LEU A 61 -13.14 -11.96 27.07
N GLU A 62 -14.18 -11.54 26.35
CA GLU A 62 -15.36 -10.98 26.97
C GLU A 62 -16.33 -12.10 27.34
N GLY B 1 -4.25 -15.16 3.82
CA GLY B 1 -3.13 -15.72 3.07
C GLY B 1 -1.76 -15.18 3.46
N HIS B 2 -0.77 -15.30 2.58
CA HIS B 2 0.57 -14.85 2.91
C HIS B 2 0.73 -13.36 2.62
N MET B 3 1.92 -12.85 2.85
CA MET B 3 2.24 -11.45 2.62
C MET B 3 3.27 -11.37 1.50
N LYS B 4 2.82 -11.69 0.28
CA LYS B 4 3.65 -11.59 -0.93
C LYS B 4 3.66 -10.14 -1.44
N VAL B 5 4.33 -9.28 -0.70
CA VAL B 5 4.47 -7.86 -1.02
C VAL B 5 5.60 -7.64 -2.03
N LYS B 6 5.34 -6.84 -3.04
CA LYS B 6 6.29 -6.71 -4.16
C LYS B 6 7.34 -5.64 -3.92
N LEU B 7 6.97 -4.56 -3.25
CA LEU B 7 7.82 -3.38 -3.18
C LEU B 7 7.96 -2.90 -1.74
N SER B 8 8.83 -1.93 -1.55
CA SER B 8 9.11 -1.35 -0.26
C SER B 8 9.14 0.14 -0.47
N ALA B 9 9.03 0.89 0.60
CA ALA B 9 9.09 2.34 0.45
C ALA B 9 10.43 2.76 -0.17
N LYS B 10 11.52 2.09 0.27
CA LYS B 10 12.84 2.42 -0.30
C LYS B 10 12.88 2.13 -1.82
N GLU B 11 12.30 1.01 -2.27
CA GLU B 11 12.29 0.72 -3.72
C GLU B 11 11.48 1.76 -4.49
N ILE B 12 10.45 2.30 -3.86
CA ILE B 12 9.68 3.33 -4.54
C ILE B 12 10.47 4.63 -4.64
N LEU B 13 11.18 5.00 -3.57
CA LEU B 13 12.05 6.16 -3.63
C LEU B 13 13.13 6.02 -4.70
N GLU B 14 13.73 4.84 -4.78
CA GLU B 14 14.87 4.64 -5.70
C GLU B 14 14.46 4.48 -7.17
N LYS B 15 13.20 4.12 -7.46
CA LYS B 15 12.75 3.87 -8.84
C LYS B 15 12.94 5.08 -9.72
N GLU B 16 13.43 4.85 -10.92
CA GLU B 16 13.58 5.90 -11.91
C GLU B 16 12.71 5.55 -13.09
N PHE B 17 12.19 6.57 -13.76
CA PHE B 17 11.41 6.38 -14.97
C PHE B 17 12.10 7.07 -16.13
N LYS B 18 12.09 6.42 -17.26
CA LYS B 18 12.55 7.13 -18.47
C LYS B 18 11.63 8.31 -18.75
N THR B 19 12.17 9.34 -19.43
CA THR B 19 11.32 10.45 -19.84
C THR B 19 11.07 10.35 -21.33
N GLY B 20 9.99 10.98 -21.79
CA GLY B 20 9.72 11.07 -23.22
C GLY B 20 9.72 12.53 -23.63
N VAL B 21 9.58 12.76 -24.92
CA VAL B 21 9.36 14.15 -25.34
C VAL B 21 8.19 14.71 -24.57
N ARG B 22 7.13 13.91 -24.43
CA ARG B 22 6.05 14.15 -23.46
C ARG B 22 5.89 12.94 -22.57
N GLY B 23 5.31 13.17 -21.41
CA GLY B 23 4.97 12.09 -20.49
C GLY B 23 4.12 12.62 -19.38
N TYR B 24 3.90 11.78 -18.34
CA TYR B 24 3.17 12.28 -17.18
C TYR B 24 3.99 13.36 -16.44
N LYS B 25 3.32 14.39 -15.99
CA LYS B 25 4.03 15.50 -15.36
C LYS B 25 4.78 14.97 -14.14
N GLN B 26 6.08 15.25 -14.06
CA GLN B 26 6.87 14.61 -13.01
C GLN B 26 6.43 15.03 -11.61
N GLU B 27 6.08 16.30 -11.44
CA GLU B 27 5.64 16.81 -10.14
C GLU B 27 4.48 15.97 -9.62
N ASP B 28 3.52 15.70 -10.47
CA ASP B 28 2.28 15.05 -10.08
C ASP B 28 2.52 13.59 -9.74
N VAL B 29 3.33 12.91 -10.55
CA VAL B 29 3.66 11.53 -10.24
C VAL B 29 4.43 11.46 -8.93
N ASP B 30 5.43 12.32 -8.75
CA ASP B 30 6.27 12.21 -7.54
C ASP B 30 5.42 12.47 -6.29
N GLU B 31 4.51 13.46 -6.35
CA GLU B 31 3.73 13.77 -5.17
C GLU B 31 2.76 12.67 -4.85
N PHE B 32 2.31 11.93 -5.88
CA PHE B 32 1.44 10.77 -5.64
C PHE B 32 2.25 9.64 -5.02
N LEU B 33 3.49 9.45 -5.50
CA LEU B 33 4.39 8.45 -4.88
C LEU B 33 4.65 8.77 -3.42
N ASP B 34 4.70 10.07 -3.08
CA ASP B 34 4.96 10.41 -1.66
C ASP B 34 3.83 9.92 -0.81
N MET B 35 2.60 10.09 -1.29
CA MET B 35 1.45 9.60 -0.53
C MET B 35 1.51 8.10 -0.36
N ILE B 36 1.85 7.42 -1.44
CA ILE B 36 1.98 5.97 -1.45
C ILE B 36 3.03 5.52 -0.42
N ILE B 37 4.23 6.11 -0.43
CA ILE B 37 5.28 5.74 0.53
C ILE B 37 4.74 5.89 1.95
N LYS B 38 4.02 6.97 2.20
CA LYS B 38 3.48 7.17 3.54
C LYS B 38 2.46 6.07 3.88
N ASP B 39 1.67 5.62 2.89
CA ASP B 39 0.73 4.52 3.13
C ASP B 39 1.43 3.18 3.39
N TYR B 40 2.52 2.89 2.67
CA TYR B 40 3.25 1.65 2.97
C TYR B 40 3.66 1.63 4.45
N GLU B 41 4.10 2.77 4.97
CA GLU B 41 4.49 2.86 6.39
C GLU B 41 3.29 2.61 7.31
N THR B 42 2.17 3.24 6.99
CA THR B 42 0.94 3.03 7.76
C THR B 42 0.48 1.58 7.72
N PHE B 43 0.39 0.99 6.53
CA PHE B 43 0.03 -0.43 6.43
C PHE B 43 0.93 -1.30 7.29
N HIS B 44 2.23 -1.06 7.23
CA HIS B 44 3.15 -1.85 8.05
C HIS B 44 2.86 -1.71 9.53
N GLN B 45 2.66 -0.49 10.00
CA GLN B 45 2.42 -0.28 11.43
C GLN B 45 1.12 -0.89 11.87
N GLU B 46 0.12 -0.84 11.00
CA GLU B 46 -1.15 -1.45 11.35
C GLU B 46 -1.04 -2.97 11.44
N ILE B 47 -0.35 -3.59 10.48
CA ILE B 47 -0.18 -5.04 10.51
C ILE B 47 0.64 -5.45 11.73
N GLU B 48 1.70 -4.72 12.02
CA GLU B 48 2.50 -5.06 13.22
C GLU B 48 1.67 -4.93 14.49
N GLU B 49 0.87 -3.87 14.60
CA GLU B 49 0.05 -3.68 15.80
C GLU B 49 -0.94 -4.83 15.98
N LEU B 50 -1.61 -5.23 14.89
CA LEU B 50 -2.60 -6.31 14.98
C LEU B 50 -1.94 -7.66 15.28
N GLN B 51 -0.77 -7.89 14.70
CA GLN B 51 -0.13 -9.17 14.92
C GLN B 51 0.29 -9.31 16.38
N GLN B 52 0.77 -8.22 16.97
CA GLN B 52 1.21 -8.35 18.35
C GLN B 52 0.02 -8.37 19.29
N GLU B 53 -1.00 -7.56 19.00
CA GLU B 53 -2.23 -7.59 19.80
C GLU B 53 -2.86 -8.97 19.76
N ASN B 54 -2.94 -9.59 18.57
CA ASN B 54 -3.59 -10.90 18.49
C ASN B 54 -2.77 -11.96 19.20
N LEU B 55 -1.44 -11.86 19.11
CA LEU B 55 -0.58 -12.79 19.86
C LEU B 55 -0.86 -12.68 21.34
N GLN B 56 -0.95 -11.44 21.84
CA GLN B 56 -1.14 -11.23 23.27
C GLN B 56 -2.48 -11.78 23.72
N LEU B 57 -3.51 -11.65 22.87
CA LEU B 57 -4.84 -12.12 23.30
C LEU B 57 -4.92 -13.64 23.23
N LYS B 58 -4.25 -14.24 22.28
CA LYS B 58 -4.18 -15.69 22.21
C LYS B 58 -3.50 -16.26 23.43
N LYS B 59 -2.35 -15.68 23.81
CA LYS B 59 -1.64 -16.14 25.01
C LYS B 59 -2.47 -16.01 26.27
N GLN B 60 -3.20 -14.92 26.41
CA GLN B 60 -4.00 -14.73 27.60
C GLN B 60 -5.13 -15.76 27.67
N LEU B 61 -5.74 -16.08 26.53
CA LEU B 61 -6.83 -17.06 26.52
C LEU B 61 -6.38 -18.39 27.10
N GLU B 62 -5.11 -18.72 26.95
CA GLU B 62 -4.64 -20.01 27.41
C GLU B 62 -3.78 -19.93 28.66
N GLU B 63 -3.40 -18.74 29.12
CA GLU B 63 -2.62 -18.59 30.36
C GLU B 63 -3.37 -17.81 31.47
N THR C 7 -5.30 -3.69 -15.11
CA THR C 7 -4.02 -2.97 -15.13
C THR C 7 -4.22 -1.53 -15.53
N ARG C 8 -3.33 -0.67 -15.09
CA ARG C 8 -3.35 0.68 -15.61
C ARG C 8 -3.07 0.67 -17.13
N SER C 9 -2.44 -0.38 -17.65
CA SER C 9 -2.31 -0.53 -19.12
#